data_3NWR
#
_entry.id   3NWR
#
_cell.length_a   68.255
_cell.length_b   130.917
_cell.length_c   101.452
_cell.angle_alpha   90.00
_cell.angle_beta   90.00
_cell.angle_gamma   90.00
#
_symmetry.space_group_name_H-M   'C 2 2 21'
#
loop_
_entity.id
_entity.type
_entity.pdbx_description
1 polymer 'A rubisco-like protein'
2 non-polymer 'SULFATE ION'
3 non-polymer GLYCEROL
4 water water
#
_entity_poly.entity_id   1
_entity_poly.type   'polypeptide(L)'
_entity_poly.pdbx_seq_one_letter_code
;MSGMLQARAVDEDTLEADYLIETPLDPARVADVMAGEQSSGTFVRVANESDALRARSRASVLRIEELEAAARPSLPNAWL
ERQGTPGPWRRARITLSFPLANIDANLPTLAATVAGNLYDLGEVTGVRLLSLRLPASYRARFELPRHGVAGTRALTDVKD
RPMIGTIIKPNVGLSAAETAALVRELCEAGVDFI(KCX)DDEVCANPAHAPLAERVRAVMSEVRRYRERSGRPVMVAFNI
TDDLDAMRRHAELVEREGGSCVMASINWCGFSAIQSLRRTTPLVLHAHRNGYGMMSRDPALGMSFQAYQTLWRLSGVDHM
HVHGLAGKFAQSDAEVIESARDCATPLAAGCDDAVLPAFSSGQWAGTVQATFDAVRSTDLLFMSGGGILAHPDGPAAGVT
SVRQAWAAVQAGTPLPVYAEHMPELRRALAFFGGRA
;
_entity_poly.pdbx_strand_id   A
#
loop_
_chem_comp.id
_chem_comp.type
_chem_comp.name
_chem_comp.formula
GOL non-polymer GLYCEROL 'C3 H8 O3'
SO4 non-polymer 'SULFATE ION' 'O4 S -2'
#
# COMPACT_ATOMS: atom_id res chain seq x y z
N GLU A 12 -25.32 -5.99 10.32
CA GLU A 12 -24.97 -4.58 10.41
C GLU A 12 -24.42 -4.20 11.79
N ASP A 13 -24.59 -5.10 12.77
CA ASP A 13 -24.09 -4.85 14.13
C ASP A 13 -22.80 -5.60 14.41
N THR A 14 -22.24 -6.23 13.38
CA THR A 14 -20.99 -6.98 13.55
C THR A 14 -20.02 -6.70 12.42
N LEU A 15 -18.76 -7.06 12.63
CA LEU A 15 -17.84 -7.22 11.52
C LEU A 15 -17.29 -8.65 11.59
N GLU A 16 -16.70 -9.10 10.49
CA GLU A 16 -16.11 -10.43 10.46
C GLU A 16 -14.61 -10.38 10.13
N ALA A 17 -13.88 -11.33 10.72
CA ALA A 17 -12.46 -11.43 10.48
C ALA A 17 -12.11 -12.89 10.23
N ASP A 18 -11.37 -13.14 9.16
CA ASP A 18 -10.94 -14.51 8.81
C ASP A 18 -9.48 -14.70 9.21
N TYR A 19 -9.15 -15.86 9.76
CA TYR A 19 -7.79 -16.19 10.15
C TYR A 19 -7.38 -17.55 9.63
N LEU A 20 -6.07 -17.73 9.50
CA LEU A 20 -5.47 -19.05 9.37
C LEU A 20 -4.77 -19.32 10.70
N ILE A 21 -5.16 -20.39 11.39
CA ILE A 21 -4.49 -20.71 12.64
C ILE A 21 -3.83 -22.07 12.58
N GLU A 22 -2.83 -22.26 13.43
CA GLU A 22 -2.11 -23.52 13.52
C GLU A 22 -1.94 -23.85 14.99
N THR A 23 -2.22 -25.10 15.36
CA THR A 23 -2.20 -25.50 16.76
C THR A 23 -2.17 -27.02 16.85
N PRO A 24 -1.45 -27.56 17.84
CA PRO A 24 -1.51 -29.01 18.03
C PRO A 24 -2.76 -29.38 18.81
N LEU A 25 -3.46 -28.38 19.32
CA LEU A 25 -4.69 -28.60 20.08
C LEU A 25 -5.89 -28.63 19.13
N ASP A 26 -7.09 -28.68 19.69
CA ASP A 26 -8.31 -28.68 18.89
C ASP A 26 -8.57 -27.31 18.27
N PRO A 27 -8.58 -27.23 16.93
CA PRO A 27 -8.77 -25.92 16.28
C PRO A 27 -10.04 -25.18 16.73
N ALA A 28 -11.16 -25.90 16.87
CA ALA A 28 -12.39 -25.22 17.26
C ALA A 28 -12.31 -24.62 18.66
N ARG A 29 -11.69 -25.35 19.59
CA ARG A 29 -11.52 -24.83 20.94
C ARG A 29 -10.62 -23.59 20.93
N VAL A 30 -9.54 -23.67 20.16
CA VAL A 30 -8.61 -22.56 20.06
C VAL A 30 -9.29 -21.34 19.44
N ALA A 31 -10.11 -21.57 18.41
CA ALA A 31 -10.84 -20.47 17.78
C ALA A 31 -11.72 -19.76 18.81
N ASP A 32 -12.34 -20.52 19.70
CA ASP A 32 -13.19 -19.87 20.69
C ASP A 32 -12.38 -19.18 21.79
N VAL A 33 -11.20 -19.72 22.11
CA VAL A 33 -10.27 -19.00 22.97
C VAL A 33 -9.97 -17.64 22.35
N MET A 34 -9.67 -17.62 21.06
CA MET A 34 -9.42 -16.36 20.34
C MET A 34 -10.61 -15.42 20.45
N ALA A 35 -11.80 -15.93 20.17
CA ALA A 35 -13.01 -15.12 20.21
C ALA A 35 -13.22 -14.52 21.61
N GLY A 36 -13.02 -15.35 22.63
CA GLY A 36 -13.23 -14.90 24.00
C GLY A 36 -12.20 -13.89 24.44
N GLU A 37 -10.94 -14.17 24.15
CA GLU A 37 -9.85 -13.29 24.57
C GLU A 37 -9.94 -11.91 23.96
N GLN A 38 -10.44 -11.84 22.72
CA GLN A 38 -10.53 -10.57 22.01
C GLN A 38 -11.86 -9.86 22.24
N SER A 39 -12.67 -10.42 23.14
CA SER A 39 -13.92 -9.78 23.53
C SER A 39 -14.16 -9.95 25.03
N SER A 40 -15.29 -10.52 25.41
CA SER A 40 -15.67 -10.56 26.83
C SER A 40 -15.46 -11.92 27.52
N GLY A 41 -14.63 -12.78 26.95
CA GLY A 41 -14.30 -14.07 27.55
C GLY A 41 -15.52 -14.96 27.67
N ALA A 55 -24.24 -11.44 25.57
CA ALA A 55 -25.02 -11.37 24.34
C ALA A 55 -24.64 -10.16 23.51
N ARG A 56 -24.25 -9.08 24.20
CA ARG A 56 -23.95 -7.82 23.53
C ARG A 56 -22.46 -7.65 23.25
N SER A 57 -21.65 -8.55 23.81
CA SER A 57 -20.20 -8.32 23.82
C SER A 57 -19.31 -9.51 23.48
N ARG A 58 -19.88 -10.72 23.44
CA ARG A 58 -19.04 -11.88 23.19
C ARG A 58 -18.92 -12.16 21.68
N ALA A 59 -17.69 -12.16 21.18
CA ALA A 59 -17.45 -12.54 19.79
C ALA A 59 -17.74 -14.03 19.60
N SER A 60 -18.05 -14.43 18.37
N SER A 60 -18.04 -14.44 18.39
CA SER A 60 -18.40 -15.81 18.08
CA SER A 60 -18.33 -15.85 18.15
C SER A 60 -17.59 -16.39 16.92
C SER A 60 -17.60 -16.39 16.93
N VAL A 61 -17.45 -17.71 16.90
CA VAL A 61 -16.83 -18.39 15.78
C VAL A 61 -17.91 -18.80 14.80
N LEU A 62 -17.85 -18.25 13.58
CA LEU A 62 -18.88 -18.48 12.57
C LEU A 62 -18.52 -19.64 11.65
N ARG A 63 -17.22 -19.86 11.45
CA ARG A 63 -16.77 -20.87 10.50
C ARG A 63 -15.46 -21.47 10.95
N ILE A 64 -15.34 -22.79 10.80
CA ILE A 64 -14.08 -23.47 10.97
C ILE A 64 -13.93 -24.45 9.83
N GLU A 65 -12.76 -24.47 9.19
CA GLU A 65 -12.49 -25.47 8.17
C GLU A 65 -11.08 -26.00 8.40
N GLU A 66 -10.97 -27.28 8.75
CA GLU A 66 -9.65 -27.85 8.97
C GLU A 66 -8.94 -28.12 7.65
N LEU A 67 -7.66 -27.78 7.60
CA LEU A 67 -6.82 -27.94 6.42
C LEU A 67 -5.83 -29.06 6.68
N GLU A 68 -4.91 -29.27 5.74
CA GLU A 68 -3.85 -30.25 5.94
C GLU A 68 -2.94 -29.81 7.08
N ALA A 69 -2.64 -30.73 7.99
CA ALA A 69 -1.79 -30.42 9.14
C ALA A 69 -0.35 -30.22 8.71
N ALA A 70 0.40 -29.51 9.56
CA ALA A 70 1.84 -29.34 9.33
C ALA A 70 2.59 -30.41 10.13
N ALA A 71 3.71 -30.89 9.56
CA ALA A 71 4.52 -31.91 10.21
C ALA A 71 5.41 -31.32 11.29
N ARG A 72 5.68 -30.01 11.18
CA ARG A 72 6.47 -29.29 12.16
C ARG A 72 5.78 -27.97 12.48
N PRO A 73 5.95 -27.46 13.71
CA PRO A 73 5.33 -26.19 14.09
C PRO A 73 5.96 -25.00 13.37
N SER A 74 5.13 -24.08 12.90
CA SER A 74 5.63 -22.93 12.15
C SER A 74 6.37 -21.93 13.04
N LEU A 75 5.93 -21.83 14.30
CA LEU A 75 6.52 -20.89 15.25
C LEU A 75 6.89 -21.57 16.56
N PRO A 76 7.99 -21.12 17.20
CA PRO A 76 8.29 -21.58 18.55
C PRO A 76 7.16 -21.20 19.51
N ASN A 77 7.02 -21.98 20.58
CA ASN A 77 6.02 -21.69 21.57
C ASN A 77 6.41 -22.31 22.90
N ALA A 78 6.76 -21.48 23.87
CA ALA A 78 7.29 -21.95 25.15
C ALA A 78 6.24 -22.66 26.01
N TRP A 79 4.99 -22.20 25.94
CA TRP A 79 3.92 -22.81 26.72
C TRP A 79 3.66 -24.23 26.23
N LEU A 80 3.59 -24.41 24.92
CA LEU A 80 3.34 -25.73 24.37
C LEU A 80 4.49 -26.68 24.64
N GLU A 81 5.72 -26.21 24.57
CA GLU A 81 6.84 -27.12 24.80
C GLU A 81 7.05 -27.42 26.28
N ARG A 82 6.71 -26.46 27.14
CA ARG A 82 6.72 -26.72 28.59
C ARG A 82 5.87 -27.94 28.92
N GLN A 83 4.97 -28.29 28.00
CA GLN A 83 4.05 -29.38 28.24
C GLN A 83 4.20 -30.54 27.27
N GLY A 84 5.24 -30.48 26.45
CA GLY A 84 5.51 -31.54 25.49
C GLY A 84 4.28 -31.96 24.71
N THR A 85 3.43 -30.99 24.35
CA THR A 85 2.28 -31.28 23.52
C THR A 85 2.75 -31.89 22.20
N PRO A 86 2.22 -33.06 21.85
CA PRO A 86 2.66 -33.74 20.62
C PRO A 86 2.02 -33.15 19.38
N GLY A 87 2.68 -33.31 18.23
CA GLY A 87 2.10 -32.94 16.96
C GLY A 87 1.00 -33.94 16.62
N PRO A 88 0.46 -33.85 15.40
CA PRO A 88 0.84 -32.90 14.35
C PRO A 88 0.32 -31.50 14.68
N TRP A 89 0.72 -30.52 13.87
CA TRP A 89 0.28 -29.16 14.08
C TRP A 89 -0.85 -28.82 13.13
N ARG A 90 -2.06 -28.94 13.63
CA ARG A 90 -3.25 -28.82 12.83
C ARG A 90 -3.43 -27.39 12.33
N ARG A 91 -4.04 -27.26 11.15
CA ARG A 91 -4.27 -25.96 10.56
C ARG A 91 -5.74 -25.80 10.23
N ALA A 92 -6.24 -24.58 10.40
CA ALA A 92 -7.63 -24.30 10.06
C ALA A 92 -7.84 -22.87 9.63
N ARG A 93 -8.78 -22.66 8.72
CA ARG A 93 -9.28 -21.32 8.40
C ARG A 93 -10.49 -21.09 9.27
N ILE A 94 -10.54 -19.95 9.94
CA ILE A 94 -11.67 -19.66 10.81
C ILE A 94 -12.23 -18.27 10.52
N THR A 95 -13.49 -18.07 10.86
CA THR A 95 -14.09 -16.75 10.78
C THR A 95 -14.64 -16.39 12.15
N LEU A 96 -14.25 -15.21 12.64
CA LEU A 96 -14.82 -14.67 13.88
C LEU A 96 -15.79 -13.54 13.57
N SER A 97 -16.84 -13.44 14.39
CA SER A 97 -17.79 -12.34 14.30
C SER A 97 -17.66 -11.48 15.56
N PHE A 98 -17.42 -10.19 15.37
CA PHE A 98 -17.22 -9.26 16.48
C PHE A 98 -18.35 -8.25 16.56
N PRO A 99 -18.92 -8.04 17.76
CA PRO A 99 -19.93 -7.00 17.91
C PRO A 99 -19.33 -5.60 17.83
N LEU A 100 -19.87 -4.78 16.93
CA LEU A 100 -19.33 -3.42 16.73
C LEU A 100 -19.42 -2.57 17.98
N ALA A 101 -20.42 -2.83 18.82
CA ALA A 101 -20.58 -2.05 20.03
C ALA A 101 -19.36 -2.17 20.97
N ASN A 102 -18.59 -3.24 20.83
CA ASN A 102 -17.37 -3.39 21.62
C ASN A 102 -16.31 -2.36 21.24
N ILE A 103 -16.36 -1.89 19.99
CA ILE A 103 -15.26 -1.11 19.42
C ILE A 103 -15.66 0.33 19.15
N ASP A 104 -16.88 0.52 18.66
CA ASP A 104 -17.25 1.78 18.03
C ASP A 104 -16.25 2.19 16.94
N ALA A 105 -16.25 3.46 16.55
CA ALA A 105 -15.46 3.87 15.37
C ALA A 105 -14.04 4.25 15.73
N ASN A 106 -13.37 3.33 16.40
CA ASN A 106 -12.04 3.55 16.95
C ASN A 106 -11.05 2.68 16.19
N LEU A 107 -10.32 3.29 15.26
CA LEU A 107 -9.46 2.55 14.33
C LEU A 107 -8.33 1.78 15.03
N PRO A 108 -7.54 2.45 15.88
CA PRO A 108 -6.47 1.64 16.52
C PRO A 108 -7.00 0.55 17.47
N THR A 109 -8.13 0.76 18.12
CA THR A 109 -8.69 -0.31 18.94
C THR A 109 -9.32 -1.41 18.10
N LEU A 110 -9.82 -1.07 16.92
CA LEU A 110 -10.23 -2.10 15.97
C LEU A 110 -9.04 -3.02 15.68
N ALA A 111 -7.88 -2.43 15.42
CA ALA A 111 -6.68 -3.23 15.19
C ALA A 111 -6.30 -4.06 16.42
N ALA A 112 -6.42 -3.49 17.61
CA ALA A 112 -6.09 -4.21 18.85
C ALA A 112 -7.02 -5.40 19.03
N THR A 113 -8.22 -5.30 18.44
CA THR A 113 -9.24 -6.32 18.61
C THR A 113 -9.07 -7.47 17.63
N VAL A 114 -8.94 -7.16 16.35
CA VAL A 114 -8.82 -8.20 15.32
C VAL A 114 -7.42 -8.72 15.12
N ALA A 115 -6.42 -8.00 15.63
CA ALA A 115 -5.07 -8.52 15.54
C ALA A 115 -4.52 -8.69 16.95
N GLY A 116 -4.06 -7.59 17.54
CA GLY A 116 -3.62 -7.56 18.93
C GLY A 116 -2.89 -8.77 19.50
N ASN A 117 -3.30 -9.17 20.69
CA ASN A 117 -2.65 -10.24 21.45
C ASN A 117 -2.88 -11.64 20.86
N LEU A 118 -3.72 -11.76 19.83
CA LEU A 118 -3.97 -13.07 19.23
C LEU A 118 -2.68 -13.76 18.82
N TYR A 119 -1.71 -12.97 18.36
CA TYR A 119 -0.47 -13.53 17.87
C TYR A 119 0.34 -14.21 18.97
N ASP A 120 0.06 -13.86 20.22
CA ASP A 120 0.86 -14.36 21.34
C ASP A 120 0.28 -15.57 22.05
N LEU A 121 -0.89 -16.03 21.62
CA LEU A 121 -1.60 -17.07 22.37
C LEU A 121 -0.74 -18.32 22.56
N GLY A 122 -0.75 -18.83 23.78
CA GLY A 122 0.01 -20.04 24.07
C GLY A 122 -0.51 -21.25 23.32
N GLU A 123 -1.76 -21.16 22.88
CA GLU A 123 -2.39 -22.27 22.16
C GLU A 123 -1.89 -22.45 20.73
N VAL A 124 -1.29 -21.42 20.14
CA VAL A 124 -1.03 -21.44 18.71
C VAL A 124 0.45 -21.48 18.31
N THR A 125 0.71 -22.15 17.19
CA THR A 125 2.03 -22.13 16.57
C THR A 125 1.96 -21.42 15.22
N GLY A 126 0.83 -20.76 14.97
CA GLY A 126 0.62 -19.97 13.78
C GLY A 126 -0.70 -19.22 13.90
N VAL A 127 -0.70 -17.93 13.54
CA VAL A 127 -1.93 -17.15 13.48
C VAL A 127 -1.71 -16.00 12.51
N ARG A 128 -2.57 -15.93 11.50
CA ARG A 128 -2.52 -14.85 10.53
C ARG A 128 -3.92 -14.34 10.24
N LEU A 129 -4.08 -13.02 10.32
CA LEU A 129 -5.32 -12.38 9.95
C LEU A 129 -5.37 -12.26 8.44
N LEU A 130 -6.33 -12.91 7.81
CA LEU A 130 -6.41 -12.95 6.34
C LEU A 130 -7.25 -11.83 5.74
N SER A 131 -8.39 -11.56 6.34
CA SER A 131 -9.33 -10.63 5.71
C SER A 131 -10.33 -10.09 6.72
N LEU A 132 -10.96 -8.97 6.36
CA LEU A 132 -11.97 -8.32 7.18
C LEU A 132 -13.18 -7.98 6.33
N ARG A 133 -14.36 -8.04 6.94
CA ARG A 133 -15.57 -7.58 6.27
C ARG A 133 -16.33 -6.65 7.21
N LEU A 134 -16.49 -5.40 6.78
CA LEU A 134 -17.18 -4.39 7.57
C LEU A 134 -18.46 -3.94 6.87
N PRO A 135 -19.52 -3.68 7.65
CA PRO A 135 -20.73 -3.10 7.05
C PRO A 135 -20.45 -1.69 6.56
N ALA A 136 -21.13 -1.29 5.50
CA ALA A 136 -20.97 0.05 4.96
C ALA A 136 -21.24 1.14 6.00
N SER A 137 -22.26 0.95 6.82
CA SER A 137 -22.62 1.94 7.83
C SER A 137 -21.52 2.13 8.86
N TYR A 138 -20.75 1.08 9.11
CA TYR A 138 -19.61 1.18 10.01
C TYR A 138 -18.42 1.86 9.31
N ARG A 139 -18.13 1.42 8.10
CA ARG A 139 -17.06 2.02 7.31
C ARG A 139 -17.22 3.55 7.20
N ALA A 140 -18.46 3.98 7.07
CA ALA A 140 -18.79 5.39 6.94
C ALA A 140 -18.38 6.23 8.15
N ARG A 141 -18.13 5.58 9.29
CA ARG A 141 -17.81 6.29 10.52
C ARG A 141 -16.31 6.55 10.63
N PHE A 142 -15.56 6.09 9.63
CA PHE A 142 -14.13 6.38 9.56
C PHE A 142 -13.88 7.42 8.47
N GLU A 143 -12.69 7.41 7.87
CA GLU A 143 -12.38 8.40 6.85
C GLU A 143 -12.38 7.79 5.45
N LEU A 144 -12.93 8.53 4.49
CA LEU A 144 -12.88 8.16 3.09
C LEU A 144 -11.65 8.79 2.44
N PRO A 145 -11.18 8.20 1.34
CA PRO A 145 -10.13 8.87 0.57
C PRO A 145 -10.66 10.21 0.08
N ARG A 146 -9.88 11.27 0.27
CA ARG A 146 -10.28 12.60 -0.19
C ARG A 146 -10.24 12.67 -1.72
N HIS A 147 -9.30 11.96 -2.32
CA HIS A 147 -9.01 12.06 -3.76
C HIS A 147 -9.08 10.73 -4.48
N GLY A 148 -8.48 9.70 -3.89
CA GLY A 148 -8.41 8.39 -4.52
C GLY A 148 -7.94 8.47 -5.96
N VAL A 149 -8.57 7.67 -6.82
CA VAL A 149 -8.16 7.64 -8.22
C VAL A 149 -8.52 8.93 -8.97
N ALA A 150 -9.79 9.32 -8.89
CA ALA A 150 -10.26 10.48 -9.66
C ALA A 150 -9.50 11.75 -9.31
N GLY A 151 -9.30 11.99 -8.02
CA GLY A 151 -8.57 13.17 -7.59
C GLY A 151 -7.12 13.20 -8.02
N THR A 152 -6.47 12.04 -7.98
CA THR A 152 -5.10 11.94 -8.44
C THR A 152 -5.02 12.19 -9.95
N ARG A 153 -5.96 11.65 -10.71
CA ARG A 153 -6.03 11.94 -12.14
C ARG A 153 -6.23 13.43 -12.40
N ALA A 154 -7.12 14.05 -11.64
CA ALA A 154 -7.37 15.47 -11.80
C ALA A 154 -6.11 16.30 -11.52
N LEU A 155 -5.39 15.94 -10.46
CA LEU A 155 -4.20 16.68 -10.06
C LEU A 155 -3.00 16.45 -10.97
N THR A 156 -2.93 15.30 -11.64
CA THR A 156 -1.83 15.04 -12.57
C THR A 156 -2.23 15.36 -14.01
N ASP A 157 -3.51 15.68 -14.20
CA ASP A 157 -4.11 15.87 -15.53
C ASP A 157 -3.85 14.66 -16.44
N VAL A 158 -4.03 13.47 -15.88
CA VAL A 158 -3.86 12.22 -16.64
C VAL A 158 -5.17 11.44 -16.73
N LYS A 159 -5.67 11.24 -17.95
CA LYS A 159 -7.06 10.79 -18.09
C LYS A 159 -7.32 9.34 -18.49
N ASP A 160 -6.58 8.85 -19.48
CA ASP A 160 -6.89 7.56 -20.12
C ASP A 160 -5.64 6.71 -20.29
N ARG A 161 -4.84 6.67 -19.24
CA ARG A 161 -3.61 5.89 -19.19
C ARG A 161 -3.17 5.89 -17.72
N PRO A 162 -2.25 5.00 -17.35
CA PRO A 162 -1.76 5.09 -15.97
C PRO A 162 -0.90 6.33 -15.76
N MET A 163 -0.73 6.70 -14.50
CA MET A 163 0.20 7.76 -14.15
C MET A 163 1.56 7.11 -13.94
N ILE A 164 2.60 7.73 -14.49
CA ILE A 164 3.94 7.18 -14.48
C ILE A 164 4.78 7.93 -13.46
N GLY A 165 5.40 7.20 -12.54
CA GLY A 165 6.16 7.83 -11.49
C GLY A 165 7.58 7.34 -11.38
N THR A 166 8.39 8.08 -10.64
CA THR A 166 9.73 7.64 -10.33
C THR A 166 10.15 8.15 -8.95
N ILE A 167 11.26 7.64 -8.44
CA ILE A 167 11.71 7.97 -7.09
C ILE A 167 13.02 8.75 -7.15
N ILE A 168 13.15 9.74 -6.29
CA ILE A 168 14.37 10.52 -6.19
C ILE A 168 15.53 9.66 -5.67
N LYS A 169 16.60 9.59 -6.47
CA LYS A 169 17.81 8.85 -6.14
C LYS A 169 19.01 9.78 -6.24
N PRO A 170 20.00 9.65 -5.35
CA PRO A 170 20.07 8.71 -4.22
C PRO A 170 18.94 8.91 -3.22
N ASN A 171 18.62 7.86 -2.46
CA ASN A 171 17.47 7.86 -1.56
C ASN A 171 17.51 9.03 -0.58
N VAL A 172 18.70 9.31 -0.09
CA VAL A 172 18.92 10.38 0.87
C VAL A 172 20.36 10.84 0.72
N GLY A 173 20.62 12.12 0.96
CA GLY A 173 21.99 12.62 0.89
C GLY A 173 22.17 13.83 0.00
N LEU A 174 21.31 13.99 -1.00
CA LEU A 174 21.32 15.21 -1.81
C LEU A 174 20.95 16.42 -0.97
N SER A 175 21.50 17.58 -1.33
CA SER A 175 21.06 18.83 -0.72
C SER A 175 19.69 19.21 -1.28
N ALA A 176 19.08 20.24 -0.67
CA ALA A 176 17.80 20.71 -1.18
C ALA A 176 17.95 21.19 -2.62
N ALA A 177 19.01 21.94 -2.90
CA ALA A 177 19.26 22.43 -4.25
C ALA A 177 19.48 21.30 -5.23
N GLU A 178 20.26 20.30 -4.83
CA GLU A 178 20.54 19.16 -5.70
C GLU A 178 19.25 18.38 -5.99
N THR A 179 18.40 18.26 -4.97
CA THR A 179 17.14 17.55 -5.14
C THR A 179 16.25 18.28 -6.14
N ALA A 180 16.15 19.60 -5.97
CA ALA A 180 15.36 20.43 -6.88
C ALA A 180 15.85 20.34 -8.32
N ALA A 181 17.17 20.37 -8.52
CA ALA A 181 17.74 20.27 -9.87
C ALA A 181 17.39 18.91 -10.48
N LEU A 182 17.46 17.86 -9.67
CA LEU A 182 17.14 16.54 -10.16
C LEU A 182 15.66 16.45 -10.50
N VAL A 183 14.82 16.95 -9.62
CA VAL A 183 13.38 16.95 -9.88
C VAL A 183 13.04 17.66 -11.20
N ARG A 184 13.72 18.78 -11.47
CA ARG A 184 13.55 19.47 -12.74
C ARG A 184 13.82 18.54 -13.93
N GLU A 185 14.92 17.81 -13.86
CA GLU A 185 15.28 16.87 -14.93
C GLU A 185 14.24 15.77 -15.07
N LEU A 186 13.75 15.26 -13.95
CA LEU A 186 12.75 14.19 -13.98
C LEU A 186 11.44 14.69 -14.60
N CYS A 187 11.04 15.91 -14.26
CA CYS A 187 9.88 16.53 -14.89
C CYS A 187 10.06 16.59 -16.41
N GLU A 188 11.21 17.12 -16.84
CA GLU A 188 11.50 17.28 -18.26
C GLU A 188 11.51 15.94 -19.00
N ALA A 189 11.89 14.88 -18.28
CA ALA A 189 11.87 13.54 -18.86
C ALA A 189 10.44 13.08 -19.15
N GLY A 190 9.46 13.68 -18.46
CA GLY A 190 8.07 13.45 -18.78
C GLY A 190 7.25 12.63 -17.79
N VAL A 191 7.77 12.40 -16.60
CA VAL A 191 6.99 11.64 -15.59
C VAL A 191 5.79 12.46 -15.13
N ASP A 192 4.82 11.78 -14.52
CA ASP A 192 3.64 12.43 -13.95
C ASP A 192 3.73 12.61 -12.44
N PHE A 193 4.64 11.84 -11.83
CA PHE A 193 4.65 11.70 -10.37
C PHE A 193 6.08 11.42 -9.91
N ILE A 194 6.48 12.04 -8.80
CA ILE A 194 7.80 11.84 -8.24
C ILE A 194 7.66 11.71 -6.74
N KCX A 195 8.38 10.78 -6.11
CA KCX A 195 8.31 10.69 -4.67
CB KCX A 195 7.55 9.43 -4.24
CG KCX A 195 8.21 8.10 -4.65
CD KCX A 195 7.34 6.89 -4.29
CE KCX A 195 7.29 6.57 -2.81
NZ KCX A 195 8.62 6.32 -2.26
C KCX A 195 9.68 10.64 -4.02
O KCX A 195 10.67 10.17 -4.62
CX KCX A 195 9.25 5.16 -2.34
OQ1 KCX A 195 10.41 5.13 -1.83
OQ2 KCX A 195 8.62 4.17 -2.78
N ASP A 196 9.76 11.15 -2.80
CA ASP A 196 10.89 10.90 -1.93
C ASP A 196 10.97 9.43 -1.60
N ASP A 197 12.18 8.91 -1.40
CA ASP A 197 12.33 7.59 -0.80
C ASP A 197 11.89 7.62 0.66
N GLU A 198 11.43 6.49 1.19
CA GLU A 198 10.96 6.43 2.57
C GLU A 198 12.03 6.73 3.63
N VAL A 199 13.31 6.59 3.28
CA VAL A 199 14.34 6.92 4.26
C VAL A 199 14.70 8.41 4.26
N CYS A 200 14.09 9.18 3.37
CA CYS A 200 14.31 10.62 3.31
C CYS A 200 13.05 11.37 3.72
N ALA A 201 13.06 11.98 4.89
CA ALA A 201 11.93 12.76 5.36
C ALA A 201 12.40 14.16 5.74
N ASN A 202 13.14 14.25 6.84
CA ASN A 202 13.68 15.54 7.29
C ASN A 202 15.17 15.43 7.62
N PRO A 203 15.98 14.96 6.65
CA PRO A 203 17.41 14.78 6.90
C PRO A 203 18.11 16.12 7.06
N ALA A 204 19.24 16.12 7.76
CA ALA A 204 20.06 17.33 7.85
C ALA A 204 20.54 17.78 6.46
N HIS A 205 20.72 16.82 5.56
CA HIS A 205 21.21 17.12 4.20
C HIS A 205 20.26 18.00 3.41
N ALA A 206 18.97 17.83 3.64
CA ALA A 206 17.94 18.52 2.88
C ALA A 206 16.68 18.55 3.71
N PRO A 207 16.65 19.41 4.73
CA PRO A 207 15.51 19.48 5.65
C PRO A 207 14.22 19.69 4.88
N LEU A 208 13.16 19.09 5.39
CA LEU A 208 11.86 19.11 4.75
C LEU A 208 11.49 20.50 4.24
N ALA A 209 11.61 21.51 5.10
CA ALA A 209 11.21 22.85 4.73
C ALA A 209 11.97 23.36 3.50
N GLU A 210 13.30 23.29 3.54
CA GLU A 210 14.11 23.73 2.41
C GLU A 210 13.84 22.91 1.16
N ARG A 211 13.68 21.60 1.34
CA ARG A 211 13.48 20.72 0.20
C ARG A 211 12.16 21.01 -0.50
N VAL A 212 11.09 21.19 0.28
CA VAL A 212 9.79 21.49 -0.31
C VAL A 212 9.82 22.80 -1.08
N ARG A 213 10.38 23.84 -0.46
CA ARG A 213 10.47 25.13 -1.14
C ARG A 213 11.28 25.08 -2.43
N ALA A 214 12.45 24.44 -2.40
CA ALA A 214 13.29 24.38 -3.60
C ALA A 214 12.66 23.54 -4.69
N VAL A 215 12.17 22.37 -4.32
CA VAL A 215 11.55 21.49 -5.30
C VAL A 215 10.30 22.09 -5.93
N MET A 216 9.43 22.68 -5.12
CA MET A 216 8.20 23.23 -5.68
C MET A 216 8.45 24.41 -6.62
N SER A 217 9.53 25.16 -6.35
CA SER A 217 9.90 26.22 -7.29
C SER A 217 10.10 25.67 -8.69
N GLU A 218 10.84 24.58 -8.79
CA GLU A 218 11.08 23.93 -10.07
C GLU A 218 9.80 23.34 -10.65
N VAL A 219 9.00 22.70 -9.81
CA VAL A 219 7.78 22.06 -10.28
C VAL A 219 6.79 23.07 -10.82
N ARG A 220 6.63 24.19 -10.11
CA ARG A 220 5.74 25.26 -10.55
C ARG A 220 6.21 25.85 -11.88
N ARG A 221 7.51 26.11 -12.00
CA ARG A 221 8.04 26.65 -13.23
C ARG A 221 7.90 25.65 -14.38
N TYR A 222 8.07 24.37 -14.08
CA TYR A 222 7.90 23.36 -15.12
C TYR A 222 6.45 23.33 -15.63
N ARG A 223 5.49 23.44 -14.73
CA ARG A 223 4.08 23.48 -15.13
C ARG A 223 3.82 24.68 -16.03
N GLU A 224 4.35 25.84 -15.63
CA GLU A 224 4.15 27.07 -16.39
C GLU A 224 4.58 26.90 -17.83
N ARG A 225 5.77 26.35 -18.02
CA ARG A 225 6.38 26.24 -19.33
C ARG A 225 5.82 25.11 -20.18
N SER A 226 5.47 24.00 -19.53
CA SER A 226 5.11 22.78 -20.26
C SER A 226 3.60 22.56 -20.32
N GLY A 227 2.87 23.17 -19.40
CA GLY A 227 1.45 22.91 -19.26
C GLY A 227 1.17 21.57 -18.58
N ARG A 228 2.21 20.91 -18.10
CA ARG A 228 2.07 19.61 -17.46
C ARG A 228 2.26 19.71 -15.95
N PRO A 229 1.23 19.37 -15.17
CA PRO A 229 1.44 19.26 -13.72
C PRO A 229 2.22 17.99 -13.40
N VAL A 230 3.09 18.06 -12.40
CA VAL A 230 3.77 16.87 -11.89
C VAL A 230 3.54 16.80 -10.38
N MET A 231 3.01 15.67 -9.93
CA MET A 231 2.71 15.47 -8.52
C MET A 231 3.95 14.98 -7.79
N VAL A 232 4.35 15.71 -6.74
CA VAL A 232 5.49 15.30 -5.93
C VAL A 232 4.98 14.86 -4.56
N ALA A 233 5.27 13.60 -4.24
CA ALA A 233 4.91 13.08 -2.92
C ALA A 233 6.08 13.35 -1.99
N PHE A 234 5.98 14.45 -1.25
CA PHE A 234 6.98 14.79 -0.24
C PHE A 234 6.79 13.90 0.97
N ASN A 235 7.87 13.25 1.40
CA ASN A 235 7.79 12.42 2.59
C ASN A 235 7.82 13.27 3.87
N ILE A 236 6.66 13.44 4.49
CA ILE A 236 6.55 14.29 5.66
C ILE A 236 6.52 13.50 6.96
N THR A 237 6.73 12.18 6.86
CA THR A 237 6.79 11.31 8.04
C THR A 237 7.54 11.97 9.18
N ASP A 238 6.88 12.10 10.33
CA ASP A 238 7.45 12.78 11.50
C ASP A 238 6.47 12.62 12.64
N ASP A 239 6.85 13.15 13.80
CA ASP A 239 5.92 13.38 14.89
C ASP A 239 4.64 14.03 14.35
N LEU A 240 3.47 13.69 14.92
CA LEU A 240 2.21 14.14 14.32
C LEU A 240 2.09 15.66 14.20
N ASP A 241 2.38 16.40 15.27
CA ASP A 241 2.28 17.85 15.19
C ASP A 241 3.18 18.38 14.08
N ALA A 242 4.39 17.83 13.99
CA ALA A 242 5.33 18.24 12.95
C ALA A 242 4.80 17.90 11.57
N MET A 243 4.22 16.71 11.42
CA MET A 243 3.64 16.32 10.12
C MET A 243 2.58 17.29 9.65
N ARG A 244 1.75 17.77 10.57
CA ARG A 244 0.74 18.76 10.20
C ARG A 244 1.38 20.04 9.72
N ARG A 245 2.44 20.49 10.40
CA ARG A 245 3.16 21.67 9.94
C ARG A 245 3.76 21.44 8.57
N HIS A 246 4.34 20.25 8.35
CA HIS A 246 4.92 19.94 7.04
C HIS A 246 3.85 19.95 5.95
N ALA A 247 2.69 19.39 6.24
CA ALA A 247 1.62 19.33 5.26
C ALA A 247 1.10 20.73 4.91
N GLU A 248 1.02 21.59 5.91
CA GLU A 248 0.62 22.98 5.68
C GLU A 248 1.61 23.66 4.75
N LEU A 249 2.89 23.44 4.97
CA LEU A 249 3.93 24.02 4.10
C LEU A 249 3.81 23.51 2.67
N VAL A 250 3.65 22.19 2.51
CA VAL A 250 3.51 21.64 1.17
C VAL A 250 2.35 22.30 0.44
N GLU A 251 1.23 22.47 1.13
CA GLU A 251 0.07 23.12 0.52
C GLU A 251 0.36 24.57 0.16
N ARG A 252 0.99 25.31 1.08
CA ARG A 252 1.30 26.71 0.83
C ARG A 252 2.21 26.89 -0.37
N GLU A 253 3.10 25.92 -0.58
CA GLU A 253 4.06 25.97 -1.68
C GLU A 253 3.49 25.42 -2.99
N GLY A 254 2.19 25.15 -3.00
CA GLY A 254 1.52 24.71 -4.22
C GLY A 254 1.57 23.23 -4.51
N GLY A 255 1.94 22.44 -3.51
CA GLY A 255 2.00 20.99 -3.67
C GLY A 255 0.62 20.36 -3.72
N SER A 256 0.58 19.08 -4.03
CA SER A 256 -0.69 18.37 -4.14
C SER A 256 -0.72 17.07 -3.37
N CYS A 257 0.42 16.69 -2.80
CA CYS A 257 0.55 15.36 -2.24
C CYS A 257 1.57 15.31 -1.11
N VAL A 258 1.26 14.55 -0.06
CA VAL A 258 2.23 14.20 0.96
C VAL A 258 2.27 12.68 1.13
N MET A 259 3.46 12.18 1.44
CA MET A 259 3.70 10.76 1.66
C MET A 259 3.99 10.54 3.14
N ALA A 260 3.56 9.40 3.67
CA ALA A 260 3.83 9.05 5.06
C ALA A 260 4.12 7.56 5.19
N SER A 261 5.08 7.21 6.05
CA SER A 261 5.36 5.81 6.37
C SER A 261 4.32 5.35 7.37
N ILE A 262 3.22 4.82 6.84
CA ILE A 262 2.04 4.54 7.66
C ILE A 262 2.29 3.67 8.90
N ASN A 263 3.09 2.61 8.76
CA ASN A 263 3.27 1.71 9.89
C ASN A 263 3.87 2.40 11.11
N TRP A 264 4.78 3.33 10.86
CA TRP A 264 5.51 3.97 11.94
C TRP A 264 4.79 5.23 12.42
N CYS A 265 4.00 5.83 11.54
CA CYS A 265 3.16 6.96 11.91
C CYS A 265 2.00 6.48 12.78
N GLY A 266 1.38 5.37 12.37
CA GLY A 266 0.27 4.80 13.11
C GLY A 266 -1.12 5.26 12.68
N PHE A 267 -2.12 4.41 12.91
CA PHE A 267 -3.49 4.77 12.56
C PHE A 267 -3.92 6.07 13.23
N SER A 268 -3.54 6.24 14.50
CA SER A 268 -3.95 7.42 15.27
C SER A 268 -3.47 8.71 14.63
N ALA A 269 -2.21 8.72 14.21
CA ALA A 269 -1.64 9.91 13.58
C ALA A 269 -2.22 10.13 12.19
N ILE A 270 -2.30 9.08 11.40
CA ILE A 270 -2.74 9.27 10.02
C ILE A 270 -4.19 9.70 9.92
N GLN A 271 -5.07 9.14 10.75
CA GLN A 271 -6.47 9.56 10.70
C GLN A 271 -6.59 11.04 11.06
N SER A 272 -5.81 11.49 12.05
CA SER A 272 -5.84 12.90 12.42
C SER A 272 -5.28 13.79 11.30
N LEU A 273 -4.18 13.37 10.70
CA LEU A 273 -3.57 14.12 9.60
C LEU A 273 -4.56 14.22 8.44
N ARG A 274 -5.27 13.13 8.16
CA ARG A 274 -6.23 13.10 7.06
C ARG A 274 -7.28 14.19 7.21
N ARG A 275 -7.71 14.45 8.44
CA ARG A 275 -8.77 15.44 8.66
C ARG A 275 -8.30 16.87 8.44
N THR A 276 -7.00 17.12 8.54
CA THR A 276 -6.52 18.50 8.44
C THR A 276 -5.77 18.84 7.14
N THR A 277 -5.46 17.85 6.31
CA THR A 277 -4.86 18.18 5.02
C THR A 277 -5.75 17.84 3.83
N PRO A 278 -5.84 18.79 2.88
CA PRO A 278 -6.63 18.57 1.66
C PRO A 278 -5.81 17.92 0.55
N LEU A 279 -4.58 17.54 0.85
CA LEU A 279 -3.68 16.97 -0.15
C LEU A 279 -3.94 15.48 -0.35
N VAL A 280 -3.42 14.95 -1.44
CA VAL A 280 -3.39 13.50 -1.65
C VAL A 280 -2.48 12.87 -0.60
N LEU A 281 -2.95 11.78 0.01
CA LEU A 281 -2.21 11.06 1.04
C LEU A 281 -1.65 9.78 0.43
N HIS A 282 -0.36 9.80 0.14
CA HIS A 282 0.33 8.66 -0.48
C HIS A 282 0.93 7.81 0.64
N ALA A 283 0.35 6.64 0.86
CA ALA A 283 0.77 5.77 1.96
C ALA A 283 1.94 4.87 1.56
N HIS A 284 3.07 4.98 2.26
CA HIS A 284 4.19 4.09 2.01
C HIS A 284 4.18 3.02 3.07
N ARG A 285 4.17 1.76 2.65
CA ARG A 285 3.94 0.66 3.59
C ARG A 285 5.21 0.02 4.14
N ASN A 286 6.36 0.67 4.00
CA ASN A 286 7.60 0.05 4.48
C ASN A 286 7.44 -0.49 5.89
N GLY A 287 7.88 -1.74 6.10
CA GLY A 287 7.71 -2.42 7.37
C GLY A 287 6.65 -3.50 7.25
N TYR A 288 5.81 -3.43 6.22
CA TYR A 288 4.76 -4.42 6.03
C TYR A 288 5.31 -5.84 5.83
N GLY A 289 6.54 -5.94 5.32
CA GLY A 289 7.18 -7.25 5.19
C GLY A 289 7.35 -7.95 6.53
N MET A 290 7.68 -7.19 7.56
CA MET A 290 7.75 -7.75 8.91
C MET A 290 6.40 -8.33 9.33
N MET A 291 5.32 -7.72 8.84
CA MET A 291 3.97 -8.11 9.24
C MET A 291 3.38 -9.22 8.38
N SER A 292 4.13 -9.72 7.40
CA SER A 292 3.52 -10.59 6.39
C SER A 292 4.38 -11.65 5.70
N ARG A 293 5.71 -11.57 5.79
CA ARG A 293 6.57 -12.50 5.02
C ARG A 293 6.40 -13.95 5.41
N ASP A 294 6.08 -14.21 6.68
CA ASP A 294 5.86 -15.58 7.14
C ASP A 294 4.39 -15.94 6.96
N PRO A 295 4.08 -16.90 6.07
CA PRO A 295 2.67 -17.20 5.78
C PRO A 295 1.87 -17.67 7.00
N ALA A 296 2.55 -18.09 8.06
CA ALA A 296 1.86 -18.56 9.25
C ALA A 296 1.60 -17.45 10.26
N LEU A 297 2.00 -16.22 9.93
CA LEU A 297 1.97 -15.14 10.91
C LEU A 297 1.55 -13.83 10.30
N GLY A 298 0.94 -12.97 11.12
CA GLY A 298 0.77 -11.58 10.76
C GLY A 298 -0.53 -11.23 10.06
N MET A 299 -0.44 -10.54 8.93
CA MET A 299 -1.61 -9.97 8.30
C MET A 299 -1.50 -10.02 6.79
N SER A 300 -2.45 -10.67 6.13
CA SER A 300 -2.52 -10.61 4.67
C SER A 300 -2.97 -9.22 4.22
N PHE A 301 -2.71 -8.91 2.96
CA PHE A 301 -2.93 -7.54 2.50
C PHE A 301 -4.40 -7.12 2.57
N GLN A 302 -5.33 -8.03 2.28
CA GLN A 302 -6.75 -7.64 2.28
C GLN A 302 -7.13 -6.99 3.60
N ALA A 303 -6.71 -7.61 4.70
CA ALA A 303 -7.01 -7.10 6.03
C ALA A 303 -6.24 -5.79 6.30
N TYR A 304 -4.94 -5.83 6.02
CA TYR A 304 -4.06 -4.68 6.22
C TYR A 304 -4.61 -3.43 5.51
N GLN A 305 -4.92 -3.58 4.23
CA GLN A 305 -5.41 -2.45 3.42
C GLN A 305 -6.80 -2.01 3.85
N THR A 306 -7.60 -2.93 4.39
CA THR A 306 -8.88 -2.52 4.96
C THR A 306 -8.67 -1.54 6.10
N LEU A 307 -7.85 -1.93 7.08
CA LEU A 307 -7.58 -1.06 8.22
C LEU A 307 -6.99 0.26 7.77
N TRP A 308 -5.99 0.22 6.89
CA TRP A 308 -5.39 1.47 6.43
C TRP A 308 -6.33 2.37 5.64
N ARG A 309 -7.22 1.78 4.85
CA ARG A 309 -8.16 2.59 4.10
C ARG A 309 -9.13 3.34 5.01
N LEU A 310 -9.38 2.80 6.20
CA LEU A 310 -10.23 3.50 7.17
C LEU A 310 -9.61 4.81 7.66
N SER A 311 -8.29 4.99 7.48
CA SER A 311 -7.65 6.25 7.85
C SER A 311 -7.75 7.30 6.75
N GLY A 312 -8.21 6.90 5.58
CA GLY A 312 -8.46 7.86 4.52
C GLY A 312 -7.33 8.05 3.51
N VAL A 313 -6.35 7.16 3.53
CA VAL A 313 -5.27 7.24 2.54
C VAL A 313 -5.80 7.13 1.10
N ASP A 314 -5.08 7.72 0.16
CA ASP A 314 -5.53 7.79 -1.23
C ASP A 314 -4.84 6.79 -2.14
N HIS A 315 -3.60 6.44 -1.81
CA HIS A 315 -2.80 5.48 -2.56
C HIS A 315 -2.28 4.41 -1.63
N MET A 316 -2.16 3.17 -2.13
CA MET A 316 -1.49 2.11 -1.41
C MET A 316 -0.50 1.38 -2.30
N HIS A 317 0.64 1.00 -1.73
CA HIS A 317 1.65 0.24 -2.46
C HIS A 317 1.35 -1.25 -2.49
N VAL A 318 1.61 -1.86 -3.65
CA VAL A 318 1.39 -3.29 -3.84
C VAL A 318 2.63 -4.04 -4.32
N HIS A 319 3.75 -3.33 -4.35
CA HIS A 319 4.99 -3.84 -4.93
C HIS A 319 4.77 -4.15 -6.40
N GLY A 320 5.41 -5.17 -6.98
CA GLY A 320 5.34 -5.26 -8.43
C GLY A 320 5.50 -6.62 -9.04
N LEU A 321 4.91 -6.81 -10.21
CA LEU A 321 5.06 -8.05 -10.96
C LEU A 321 6.49 -8.17 -11.47
N ALA A 322 7.06 -9.37 -11.36
CA ALA A 322 8.44 -9.62 -11.70
C ALA A 322 9.37 -8.69 -10.94
N GLY A 323 9.01 -8.35 -9.71
CA GLY A 323 9.78 -7.36 -8.96
C GLY A 323 11.05 -7.92 -8.37
N LYS A 324 11.79 -7.05 -7.68
CA LYS A 324 13.04 -7.45 -7.04
C LYS A 324 12.85 -7.78 -5.55
N PHE A 325 11.66 -7.54 -5.03
CA PHE A 325 11.33 -7.89 -3.65
C PHE A 325 10.95 -9.38 -3.53
N ALA A 326 10.64 -9.82 -2.32
CA ALA A 326 10.30 -11.22 -2.05
C ALA A 326 8.88 -11.62 -2.45
N GLN A 327 7.99 -10.64 -2.59
CA GLN A 327 6.58 -10.96 -2.82
C GLN A 327 6.32 -11.66 -4.16
N SER A 328 5.39 -12.60 -4.13
CA SER A 328 4.98 -13.33 -5.34
C SER A 328 4.09 -12.49 -6.24
N ASP A 329 4.06 -12.83 -7.52
CA ASP A 329 3.16 -12.15 -8.44
C ASP A 329 1.72 -12.31 -7.98
N ALA A 330 1.36 -13.50 -7.48
CA ALA A 330 -0.01 -13.73 -7.01
C ALA A 330 -0.40 -12.74 -5.92
N GLU A 331 0.49 -12.51 -4.96
CA GLU A 331 0.22 -11.54 -3.91
C GLU A 331 0.07 -10.13 -4.46
N VAL A 332 0.94 -9.76 -5.39
CA VAL A 332 0.83 -8.43 -5.98
C VAL A 332 -0.50 -8.25 -6.72
N ILE A 333 -0.89 -9.23 -7.51
CA ILE A 333 -2.14 -9.18 -8.25
C ILE A 333 -3.34 -9.04 -7.31
N GLU A 334 -3.40 -9.88 -6.29
CA GLU A 334 -4.52 -9.86 -5.35
C GLU A 334 -4.56 -8.52 -4.60
N SER A 335 -3.38 -8.01 -4.27
CA SER A 335 -3.30 -6.76 -3.51
C SER A 335 -3.79 -5.57 -4.35
N ALA A 336 -3.39 -5.56 -5.62
CA ALA A 336 -3.88 -4.53 -6.54
C ALA A 336 -5.40 -4.62 -6.65
N ARG A 337 -5.92 -5.83 -6.78
CA ARG A 337 -7.35 -5.99 -6.90
C ARG A 337 -8.09 -5.56 -5.64
N ASP A 338 -7.46 -5.77 -4.48
CA ASP A 338 -8.03 -5.30 -3.22
C ASP A 338 -8.23 -3.78 -3.25
N CYS A 339 -7.23 -3.06 -3.74
CA CYS A 339 -7.28 -1.59 -3.80
C CYS A 339 -8.48 -1.09 -4.57
N ALA A 340 -8.83 -1.81 -5.64
CA ALA A 340 -9.94 -1.40 -6.50
C ALA A 340 -11.31 -1.85 -5.98
N THR A 341 -11.31 -2.73 -4.99
CA THR A 341 -12.54 -3.27 -4.45
C THR A 341 -13.06 -2.37 -3.33
N PRO A 342 -14.28 -1.82 -3.48
CA PRO A 342 -14.83 -1.00 -2.38
C PRO A 342 -14.91 -1.80 -1.09
N LEU A 343 -14.68 -1.15 0.04
CA LEU A 343 -14.69 -1.85 1.32
C LEU A 343 -16.06 -2.46 1.64
N ALA A 344 -17.11 -1.79 1.19
CA ALA A 344 -18.47 -2.28 1.42
C ALA A 344 -19.38 -1.84 0.27
N ALA A 345 -20.51 -2.51 0.13
CA ALA A 345 -21.44 -2.18 -0.96
C ALA A 345 -21.78 -0.70 -1.00
N GLY A 346 -21.58 -0.09 -2.16
CA GLY A 346 -21.96 1.29 -2.39
C GLY A 346 -21.10 2.38 -1.79
N CYS A 347 -19.93 2.00 -1.27
N CYS A 347 -19.93 2.03 -1.26
CA CYS A 347 -19.05 2.96 -0.60
CA CYS A 347 -19.09 3.03 -0.60
C CYS A 347 -18.24 3.81 -1.58
C CYS A 347 -18.13 3.78 -1.54
N ASP A 348 -17.93 3.26 -2.74
CA ASP A 348 -17.14 3.96 -3.76
C ASP A 348 -15.86 4.59 -3.19
N ASP A 349 -15.07 3.76 -2.52
CA ASP A 349 -13.91 4.24 -1.78
C ASP A 349 -12.60 3.57 -2.22
N ALA A 350 -12.52 3.18 -3.49
CA ALA A 350 -11.29 2.56 -3.99
C ALA A 350 -10.10 3.49 -3.83
N VAL A 351 -8.92 2.89 -3.70
CA VAL A 351 -7.68 3.65 -3.65
C VAL A 351 -6.81 3.29 -4.85
N LEU A 352 -5.84 4.14 -5.13
CA LEU A 352 -4.97 3.95 -6.29
C LEU A 352 -3.82 3.02 -5.93
N PRO A 353 -3.69 1.89 -6.64
CA PRO A 353 -2.55 1.01 -6.36
C PRO A 353 -1.28 1.54 -7.01
N ALA A 354 -0.19 1.49 -6.25
CA ALA A 354 1.13 1.88 -6.74
C ALA A 354 2.01 0.66 -6.90
N PHE A 355 2.37 0.38 -8.15
CA PHE A 355 3.24 -0.73 -8.47
C PHE A 355 4.67 -0.24 -8.52
N SER A 356 5.59 -1.03 -7.97
CA SER A 356 7.00 -0.66 -7.97
C SER A 356 7.90 -1.87 -7.84
N SER A 357 9.20 -1.64 -8.07
CA SER A 357 10.27 -2.64 -7.97
C SER A 357 10.51 -3.33 -9.31
N GLY A 358 11.59 -2.93 -9.99
CA GLY A 358 11.97 -3.54 -11.26
C GLY A 358 10.94 -3.33 -12.36
N GLN A 359 10.15 -2.26 -12.25
CA GLN A 359 9.13 -2.00 -13.25
C GLN A 359 9.70 -1.28 -14.46
N TRP A 360 9.23 -1.68 -15.63
CA TRP A 360 9.71 -1.08 -16.88
C TRP A 360 8.76 -1.50 -18.00
N ALA A 361 9.10 -1.17 -19.24
CA ALA A 361 8.21 -1.53 -20.35
C ALA A 361 7.78 -2.99 -20.29
N GLY A 362 8.74 -3.86 -19.95
CA GLY A 362 8.50 -5.29 -19.94
C GLY A 362 7.60 -5.85 -18.86
N THR A 363 7.17 -5.01 -17.91
CA THR A 363 6.21 -5.46 -16.90
C THR A 363 4.84 -4.81 -17.10
N VAL A 364 4.68 -4.04 -18.17
CA VAL A 364 3.44 -3.33 -18.40
C VAL A 364 2.26 -4.26 -18.75
N GLN A 365 2.49 -5.22 -19.63
CA GLN A 365 1.41 -6.13 -20.00
C GLN A 365 0.83 -6.87 -18.79
N ALA A 366 1.70 -7.44 -17.97
CA ALA A 366 1.26 -8.20 -16.80
C ALA A 366 0.51 -7.28 -15.83
N THR A 367 0.98 -6.05 -15.73
CA THR A 367 0.35 -5.09 -14.82
C THR A 367 -1.05 -4.73 -15.31
N PHE A 368 -1.19 -4.44 -16.60
CA PHE A 368 -2.47 -4.11 -17.21
C PHE A 368 -3.45 -5.28 -17.01
N ASP A 369 -2.96 -6.49 -17.24
CA ASP A 369 -3.80 -7.67 -17.10
C ASP A 369 -4.19 -7.95 -15.65
N ALA A 370 -3.34 -7.59 -14.71
CA ALA A 370 -3.68 -7.70 -13.28
C ALA A 370 -4.80 -6.75 -12.88
N VAL A 371 -4.68 -5.47 -13.26
CA VAL A 371 -5.61 -4.44 -12.83
C VAL A 371 -6.93 -4.46 -13.64
N ARG A 372 -6.83 -4.81 -14.91
CA ARG A 372 -7.99 -4.78 -15.82
C ARG A 372 -8.51 -3.36 -16.05
N SER A 373 -7.63 -2.39 -15.84
CA SER A 373 -7.91 -0.99 -16.18
C SER A 373 -6.58 -0.23 -16.16
N THR A 374 -6.63 1.07 -16.41
CA THR A 374 -5.41 1.88 -16.35
C THR A 374 -5.31 2.68 -15.05
N ASP A 375 -6.21 2.40 -14.10
CA ASP A 375 -6.28 3.14 -12.84
C ASP A 375 -5.19 2.67 -11.87
N LEU A 376 -3.98 3.13 -12.14
CA LEU A 376 -2.83 2.70 -11.37
C LEU A 376 -1.69 3.70 -11.48
N LEU A 377 -0.83 3.71 -10.48
CA LEU A 377 0.41 4.46 -10.49
C LEU A 377 1.56 3.49 -10.73
N PHE A 378 2.29 3.72 -11.82
CA PHE A 378 3.36 2.81 -12.27
C PHE A 378 4.71 3.44 -11.98
N MET A 379 5.38 2.94 -10.95
CA MET A 379 6.66 3.50 -10.51
C MET A 379 7.79 2.75 -11.17
N SER A 380 8.60 3.48 -11.92
CA SER A 380 9.75 2.90 -12.61
C SER A 380 11.01 3.66 -12.23
N GLY A 381 12.05 2.94 -11.84
CA GLY A 381 13.33 3.54 -11.51
C GLY A 381 14.29 3.39 -12.66
N GLY A 382 15.14 2.36 -12.61
CA GLY A 382 16.07 2.10 -13.70
C GLY A 382 15.37 1.88 -15.03
N GLY A 383 14.15 1.35 -15.00
CA GLY A 383 13.40 1.12 -16.22
C GLY A 383 13.20 2.38 -17.04
N ILE A 384 13.27 3.52 -16.37
CA ILE A 384 13.22 4.82 -17.02
C ILE A 384 14.61 5.45 -17.06
N LEU A 385 15.25 5.53 -15.90
CA LEU A 385 16.46 6.33 -15.75
C LEU A 385 17.71 5.71 -16.39
N ALA A 386 17.69 4.41 -16.60
CA ALA A 386 18.83 3.71 -17.16
C ALA A 386 18.63 3.33 -18.63
N HIS A 387 17.57 3.84 -19.25
CA HIS A 387 17.37 3.62 -20.68
C HIS A 387 18.62 4.12 -21.42
N PRO A 388 19.11 3.33 -22.38
CA PRO A 388 20.36 3.63 -23.11
C PRO A 388 20.36 5.00 -23.77
N ASP A 389 19.18 5.53 -24.09
CA ASP A 389 19.09 6.77 -24.84
C ASP A 389 18.64 7.93 -23.94
N GLY A 390 18.65 7.70 -22.64
CA GLY A 390 18.34 8.76 -21.69
C GLY A 390 17.00 8.60 -21.00
N PRO A 391 16.81 9.33 -19.89
CA PRO A 391 15.57 9.24 -19.10
C PRO A 391 14.33 9.63 -19.90
N ALA A 392 14.43 10.61 -20.80
CA ALA A 392 13.27 10.98 -21.60
C ALA A 392 12.88 9.79 -22.49
N ALA A 393 13.87 9.14 -23.09
CA ALA A 393 13.61 7.95 -23.89
C ALA A 393 13.01 6.85 -23.02
N GLY A 394 13.49 6.77 -21.78
CA GLY A 394 12.97 5.79 -20.83
C GLY A 394 11.49 6.00 -20.55
N VAL A 395 11.11 7.23 -20.23
CA VAL A 395 9.70 7.53 -20.00
C VAL A 395 8.90 7.20 -21.25
N THR A 396 9.44 7.56 -22.41
CA THR A 396 8.74 7.30 -23.65
C THR A 396 8.56 5.80 -23.89
N SER A 397 9.58 5.01 -23.56
CA SER A 397 9.46 3.56 -23.72
C SER A 397 8.31 3.01 -22.88
N VAL A 398 8.16 3.54 -21.67
CA VAL A 398 7.09 3.08 -20.80
C VAL A 398 5.72 3.55 -21.31
N ARG A 399 5.64 4.79 -21.77
CA ARG A 399 4.40 5.32 -22.35
C ARG A 399 4.00 4.54 -23.60
N GLN A 400 5.00 4.19 -24.42
CA GLN A 400 4.74 3.38 -25.62
C GLN A 400 4.24 1.98 -25.27
N ALA A 401 4.81 1.39 -24.22
CA ALA A 401 4.31 0.10 -23.74
C ALA A 401 2.85 0.19 -23.32
N TRP A 402 2.50 1.25 -22.58
CA TRP A 402 1.11 1.43 -22.18
C TRP A 402 0.18 1.65 -23.38
N ALA A 403 0.62 2.45 -24.34
CA ALA A 403 -0.17 2.64 -25.56
C ALA A 403 -0.42 1.29 -26.27
N ALA A 404 0.61 0.47 -26.34
CA ALA A 404 0.49 -0.85 -26.96
C ALA A 404 -0.54 -1.72 -26.26
N VAL A 405 -0.42 -1.87 -24.95
CA VAL A 405 -1.33 -2.81 -24.27
C VAL A 405 -2.77 -2.31 -24.29
N GLN A 406 -2.95 -0.99 -24.22
CA GLN A 406 -4.29 -0.43 -24.26
C GLN A 406 -4.93 -0.61 -25.64
N ALA A 407 -4.10 -0.62 -26.68
CA ALA A 407 -4.58 -0.85 -28.05
C ALA A 407 -4.71 -2.33 -28.34
N GLY A 408 -4.16 -3.18 -27.47
CA GLY A 408 -4.26 -4.61 -27.64
C GLY A 408 -3.17 -5.24 -28.47
N THR A 409 -2.12 -4.50 -28.76
CA THR A 409 -1.06 -5.04 -29.61
C THR A 409 0.15 -5.49 -28.78
N PRO A 410 0.70 -6.68 -29.08
CA PRO A 410 1.84 -7.14 -28.28
C PRO A 410 3.03 -6.18 -28.32
N LEU A 411 3.75 -6.05 -27.22
CA LEU A 411 4.88 -5.12 -27.17
C LEU A 411 5.91 -5.32 -28.30
N PRO A 412 6.33 -6.57 -28.57
CA PRO A 412 7.35 -6.76 -29.61
C PRO A 412 6.84 -6.45 -31.01
N VAL A 413 5.52 -6.44 -31.21
CA VAL A 413 4.96 -5.99 -32.49
C VAL A 413 5.00 -4.47 -32.56
N TYR A 414 4.50 -3.81 -31.52
CA TYR A 414 4.48 -2.35 -31.47
C TYR A 414 5.89 -1.76 -31.53
N ALA A 415 6.85 -2.48 -30.95
CA ALA A 415 8.24 -2.04 -30.93
C ALA A 415 8.81 -1.84 -32.33
N GLU A 416 8.25 -2.55 -33.30
CA GLU A 416 8.70 -2.40 -34.67
C GLU A 416 8.38 -1.00 -35.19
N HIS A 417 7.41 -0.35 -34.56
CA HIS A 417 6.97 1.00 -34.90
C HIS A 417 7.60 2.07 -33.99
N MET A 418 8.20 1.62 -32.88
CA MET A 418 8.47 2.49 -31.73
C MET A 418 9.88 2.30 -31.17
N PRO A 419 10.82 3.16 -31.58
CA PRO A 419 12.25 2.99 -31.32
C PRO A 419 12.61 2.96 -29.84
N GLU A 420 12.01 3.83 -29.05
CA GLU A 420 12.33 3.89 -27.62
C GLU A 420 11.97 2.58 -26.95
N LEU A 421 10.77 2.08 -27.24
CA LEU A 421 10.32 0.78 -26.74
C LEU A 421 11.21 -0.37 -27.21
N ARG A 422 11.52 -0.39 -28.50
CA ARG A 422 12.36 -1.43 -29.07
C ARG A 422 13.72 -1.47 -28.37
N ARG A 423 14.31 -0.29 -28.19
CA ARG A 423 15.60 -0.18 -27.50
C ARG A 423 15.52 -0.65 -26.05
N ALA A 424 14.42 -0.33 -25.37
CA ALA A 424 14.24 -0.77 -24.01
C ALA A 424 14.16 -2.29 -23.92
N LEU A 425 13.39 -2.91 -24.81
CA LEU A 425 13.22 -4.36 -24.75
C LEU A 425 14.54 -5.07 -24.99
N ALA A 426 15.35 -4.52 -25.89
CA ALA A 426 16.66 -5.10 -26.19
C ALA A 426 17.64 -4.92 -25.02
N PHE A 427 17.60 -3.76 -24.39
CA PHE A 427 18.56 -3.42 -23.35
C PHE A 427 18.28 -4.10 -22.01
N PHE A 428 17.03 -4.02 -21.55
CA PHE A 428 16.66 -4.61 -20.27
C PHE A 428 16.36 -6.10 -20.41
S SO4 B . 14.57 -0.84 -10.03
O1 SO4 B . 14.75 0.59 -10.18
O2 SO4 B . 14.14 -1.44 -11.28
O3 SO4 B . 13.57 -1.10 -9.00
O4 SO4 B . 15.83 -1.45 -9.61
S SO4 C . 1.26 13.99 -21.32
O1 SO4 C . 1.37 13.50 -22.68
O2 SO4 C . -0.02 13.58 -20.75
O3 SO4 C . 1.36 15.46 -21.32
O4 SO4 C . 2.35 13.43 -20.53
S SO4 D . -7.53 -29.73 23.28
O1 SO4 D . -6.85 -29.32 24.51
O2 SO4 D . -6.63 -30.57 22.49
O3 SO4 D . -7.91 -28.55 22.51
O4 SO4 D . -8.73 -30.48 23.62
C1 GOL E . -12.61 8.08 -6.36
O1 GOL E . -11.98 7.95 -7.62
C2 GOL E . -12.34 6.84 -5.52
O2 GOL E . -12.40 7.18 -4.16
C3 GOL E . -10.93 6.35 -5.85
O3 GOL E . -10.98 5.01 -6.25
C1 GOL F . 14.69 -2.20 -14.56
O1 GOL F . 15.56 -1.48 -13.69
C2 GOL F . 15.22 -3.61 -14.71
O2 GOL F . 15.29 -4.22 -13.44
C3 GOL F . 14.28 -4.42 -15.60
O3 GOL F . 14.85 -5.69 -15.84
C1 GOL G . 2.16 20.90 -7.96
O1 GOL G . 1.43 20.39 -6.88
C2 GOL G . 1.21 20.84 -9.14
O2 GOL G . 0.16 19.96 -8.80
C3 GOL G . 1.95 20.36 -10.37
O3 GOL G . 2.35 21.51 -11.08
C1 GOL H . 12.49 15.39 13.17
O1 GOL H . 12.20 15.70 11.81
C2 GOL H . 13.01 16.55 14.01
O2 GOL H . 12.55 17.81 13.57
C3 GOL H . 14.54 16.57 14.02
O3 GOL H . 15.02 17.33 12.94
C1 GOL I . -3.55 -11.80 -14.12
O1 GOL I . -3.12 -11.74 -15.46
C2 GOL I . -4.59 -12.92 -14.00
O2 GOL I . -5.87 -12.40 -14.26
C3 GOL I . -4.55 -13.53 -12.59
O3 GOL I . -3.32 -14.19 -12.41
#